data_9EYH
#
_entry.id   9EYH
#
_cell.length_a   105.753
_cell.length_b   53.490
_cell.length_c   111.798
_cell.angle_alpha   90.000
_cell.angle_beta   103.152
_cell.angle_gamma   90.000
#
_symmetry.space_group_name_H-M   'I 1 2 1'
#
loop_
_entity.id
_entity.type
_entity.pdbx_description
1 polymer 'Ubiquitin-conjugating enzyme E2 6'
2 polymer 'Ubiquitin-40S ribosomal protein S31'
#
loop_
_entity_poly.entity_id
_entity_poly.type
_entity_poly.pdbx_seq_one_letter_code
_entity_poly.pdbx_strand_id
1 'polypeptide(L)'
;MATKQAHKRLTKEYKLMVENPPPYILARPNEDNILEWHYIITGPADTPYKGGQYHGTLTFPSDYPYKPPAIRMITPNGRF
KPNTRLKLSMSDYHPDTWNPGWSVSTILNGLLSFMTSDEATTGSITTSDHQKKTLARNSISYNTFQNVRFKLIFPEVVQE
NVETLEKRKLDELPETGG
;
A,B
2 'polypeptide(L)' MQIFVKTLTGKTITLEVESSDTIDNVKSKIQDKEGIPPDQQRLIFAGKQLEDGRTLSDYNIQKESTLHLVLRLRGG C,D000
#
# COMPACT_ATOMS: atom_id res chain seq x y z
N ALA A 2 16.31 -10.30 -24.44
CA ALA A 2 16.05 -9.14 -25.27
C ALA A 2 16.80 -9.23 -26.59
N THR A 3 16.08 -9.56 -27.66
CA THR A 3 16.70 -9.69 -28.97
C THR A 3 17.17 -8.34 -29.48
N LYS A 4 18.01 -8.38 -30.52
CA LYS A 4 18.46 -7.15 -31.17
C LYS A 4 17.29 -6.40 -31.77
N GLN A 5 16.31 -7.13 -32.32
CA GLN A 5 15.15 -6.47 -32.92
C GLN A 5 14.26 -5.84 -31.85
N ALA A 6 14.08 -6.52 -30.71
CA ALA A 6 13.30 -5.95 -29.63
C ALA A 6 13.99 -4.72 -29.04
N HIS A 7 15.33 -4.77 -28.93
CA HIS A 7 16.06 -3.64 -28.36
C HIS A 7 15.95 -2.41 -29.25
N LYS A 8 16.06 -2.58 -30.56
CA LYS A 8 15.95 -1.45 -31.46
C LYS A 8 14.55 -0.85 -31.43
N ARG A 9 13.52 -1.70 -31.43
CA ARG A 9 12.14 -1.21 -31.46
C ARG A 9 11.82 -0.44 -30.19
N LEU A 10 12.13 -1.02 -29.02
CA LEU A 10 11.78 -0.39 -27.76
C LEU A 10 12.55 0.92 -27.55
N THR A 11 13.78 1.01 -28.08
CA THR A 11 14.51 2.27 -28.00
C THR A 11 13.85 3.33 -28.87
N LYS A 12 13.38 2.95 -30.06
CA LYS A 12 12.64 3.88 -30.89
C LYS A 12 11.31 4.26 -30.26
N GLU A 13 10.61 3.28 -29.68
CA GLU A 13 9.35 3.56 -29.00
C GLU A 13 9.56 4.47 -27.80
N TYR A 14 10.66 4.26 -27.06
CA TYR A 14 10.99 5.15 -25.96
C TYR A 14 11.28 6.56 -26.47
N LYS A 15 12.04 6.67 -27.57
CA LYS A 15 12.36 7.97 -28.13
C LYS A 15 11.09 8.71 -28.55
N LEU A 16 10.13 7.99 -29.14
CA LEU A 16 8.89 8.63 -29.56
C LEU A 16 8.08 9.12 -28.37
N MET A 17 8.14 8.40 -27.24
CA MET A 17 7.36 8.79 -26.08
C MET A 17 8.02 9.91 -25.27
N VAL A 18 9.33 10.09 -25.39
CA VAL A 18 9.97 11.25 -24.79
C VAL A 18 9.62 12.51 -25.58
N GLU A 19 9.55 12.40 -26.91
CA GLU A 19 9.26 13.56 -27.74
C GLU A 19 7.79 13.95 -27.64
N ASN A 20 6.89 12.98 -27.72
CA ASN A 20 5.45 13.24 -27.65
C ASN A 20 4.80 12.22 -26.73
N PRO A 21 4.77 12.49 -25.43
CA PRO A 21 4.14 11.55 -24.49
C PRO A 21 2.64 11.65 -24.58
N PRO A 22 1.93 10.52 -24.51
CA PRO A 22 0.47 10.57 -24.48
C PRO A 22 -0.01 11.27 -23.23
N PRO A 23 -1.22 11.84 -23.26
CA PRO A 23 -1.72 12.56 -22.09
C PRO A 23 -1.83 11.64 -20.87
N TYR A 24 -1.49 12.20 -19.71
CA TYR A 24 -1.60 11.60 -18.39
C TYR A 24 -0.71 10.38 -18.18
N ILE A 25 0.16 10.05 -19.14
CA ILE A 25 0.95 8.83 -19.07
C ILE A 25 2.42 9.18 -19.23
N LEU A 26 3.24 8.80 -18.25
CA LEU A 26 4.69 8.88 -18.34
C LEU A 26 5.25 7.48 -18.18
N ALA A 27 6.10 7.07 -19.12
CA ALA A 27 6.64 5.72 -19.13
C ALA A 27 8.08 5.73 -19.62
N ARG A 28 8.89 4.84 -19.05
CA ARG A 28 10.26 4.65 -19.49
C ARG A 28 10.71 3.26 -19.06
N PRO A 29 11.65 2.66 -19.76
CA PRO A 29 12.07 1.28 -19.44
C PRO A 29 13.08 1.26 -18.31
N ASN A 30 13.26 0.06 -17.77
CA ASN A 30 14.34 -0.18 -16.81
C ASN A 30 15.68 -0.07 -17.52
N GLU A 31 16.60 0.69 -16.93
CA GLU A 31 17.93 0.83 -17.50
C GLU A 31 18.60 -0.53 -17.67
N ASP A 32 18.36 -1.44 -16.73
CA ASP A 32 18.96 -2.77 -16.75
C ASP A 32 18.16 -3.79 -17.53
N ASN A 33 16.96 -3.43 -18.01
CA ASN A 33 16.13 -4.36 -18.76
C ASN A 33 15.24 -3.55 -19.68
N ILE A 34 15.59 -3.52 -20.97
CA ILE A 34 14.80 -2.82 -21.98
C ILE A 34 13.37 -3.37 -22.06
N LEU A 35 13.18 -4.63 -21.66
CA LEU A 35 11.87 -5.27 -21.81
C LEU A 35 10.90 -4.90 -20.68
N GLU A 36 11.40 -4.46 -19.53
CA GLU A 36 10.56 -4.14 -18.38
C GLU A 36 10.36 -2.62 -18.33
N TRP A 37 9.20 -2.17 -18.82
CA TRP A 37 8.85 -0.76 -18.76
C TRP A 37 8.02 -0.46 -17.51
N HIS A 38 8.10 0.78 -17.06
CA HIS A 38 7.34 1.26 -15.92
C HIS A 38 6.60 2.53 -16.33
N TYR A 39 5.32 2.60 -15.97
CA TYR A 39 4.49 3.76 -16.32
C TYR A 39 3.92 4.40 -15.07
N ILE A 40 3.55 5.67 -15.21
CA ILE A 40 2.84 6.42 -14.17
C ILE A 40 1.62 7.05 -14.82
N ILE A 41 0.44 6.60 -14.41
CA ILE A 41 -0.82 7.18 -14.89
C ILE A 41 -1.25 8.26 -13.91
N THR A 42 -1.43 9.48 -14.41
CA THR A 42 -2.00 10.55 -13.62
C THR A 42 -3.51 10.57 -13.83
N GLY A 43 -4.26 10.40 -12.75
CA GLY A 43 -5.70 10.27 -12.83
C GLY A 43 -6.37 11.46 -13.49
N PRO A 44 -7.08 11.20 -14.57
CA PRO A 44 -7.74 12.28 -15.31
C PRO A 44 -8.87 12.91 -14.50
N ALA A 45 -9.22 14.14 -14.89
CA ALA A 45 -10.35 14.82 -14.29
C ALA A 45 -11.65 14.16 -14.75
N ASP A 46 -12.75 14.52 -14.08
CA ASP A 46 -14.07 13.94 -14.29
C ASP A 46 -14.07 12.43 -14.11
N THR A 47 -13.13 11.92 -13.32
CA THR A 47 -13.04 10.51 -12.93
C THR A 47 -12.74 10.45 -11.45
N PRO A 48 -13.14 9.37 -10.76
CA PRO A 48 -12.80 9.25 -9.33
C PRO A 48 -11.32 9.07 -9.06
N TYR A 49 -10.50 8.89 -10.10
CA TYR A 49 -9.05 8.75 -9.95
C TYR A 49 -8.33 10.09 -10.05
N LYS A 50 -9.06 11.20 -10.09
CA LYS A 50 -8.48 12.51 -10.31
C LYS A 50 -7.35 12.80 -9.33
N GLY A 51 -6.18 13.13 -9.86
CA GLY A 51 -5.01 13.43 -9.05
C GLY A 51 -4.24 12.22 -8.58
N GLY A 52 -4.71 11.01 -8.86
CA GLY A 52 -4.02 9.83 -8.40
C GLY A 52 -2.73 9.57 -9.17
N GLN A 53 -1.78 8.94 -8.50
CA GLN A 53 -0.50 8.56 -9.08
C GLN A 53 -0.42 7.04 -9.09
N TYR A 54 -0.59 6.44 -10.27
CA TYR A 54 -0.72 5.00 -10.40
C TYR A 54 0.48 4.44 -11.16
N HIS A 55 1.25 3.60 -10.49
CA HIS A 55 2.48 3.02 -11.04
C HIS A 55 2.21 1.58 -11.45
N GLY A 56 2.62 1.23 -12.67
CA GLY A 56 2.49 -0.12 -13.17
C GLY A 56 3.64 -0.50 -14.09
N THR A 57 3.53 -1.65 -14.74
CA THR A 57 4.63 -2.17 -15.57
C THR A 57 4.10 -2.77 -16.85
N LEU A 58 4.90 -2.65 -17.91
CA LEU A 58 4.70 -3.36 -19.17
C LEU A 58 5.88 -4.29 -19.37
N THR A 59 5.67 -5.58 -19.17
CA THR A 59 6.74 -6.58 -19.33
C THR A 59 6.67 -7.12 -20.75
N PHE A 60 7.59 -6.67 -21.59
CA PHE A 60 7.59 -7.10 -22.97
C PHE A 60 8.29 -8.46 -23.10
N PRO A 61 7.77 -9.35 -23.95
CA PRO A 61 8.41 -10.65 -24.12
C PRO A 61 9.69 -10.54 -24.93
N SER A 62 10.54 -11.55 -24.77
CA SER A 62 11.86 -11.51 -25.39
C SER A 62 11.79 -11.40 -26.90
N ASP A 63 10.72 -11.90 -27.52
CA ASP A 63 10.56 -11.87 -28.96
C ASP A 63 9.67 -10.73 -29.43
N TYR A 64 9.62 -9.64 -28.68
CA TYR A 64 8.95 -8.43 -29.16
C TYR A 64 9.60 -7.97 -30.46
N PRO A 65 8.84 -7.36 -31.38
CA PRO A 65 7.44 -6.92 -31.36
C PRO A 65 6.42 -7.92 -31.91
N TYR A 66 6.63 -9.21 -31.70
CA TYR A 66 5.73 -10.22 -32.25
C TYR A 66 4.75 -10.79 -31.24
N LYS A 67 4.99 -10.61 -29.95
CA LYS A 67 4.07 -11.02 -28.92
C LYS A 67 3.79 -9.85 -27.98
N PRO A 68 2.57 -9.75 -27.46
CA PRO A 68 2.18 -8.56 -26.68
C PRO A 68 2.79 -8.60 -25.29
N PRO A 69 2.87 -7.46 -24.62
CA PRO A 69 3.43 -7.43 -23.27
C PRO A 69 2.40 -7.81 -22.21
N ALA A 70 2.90 -8.06 -21.01
CA ALA A 70 2.07 -8.33 -19.84
C ALA A 70 1.87 -7.03 -19.07
N ILE A 71 0.62 -6.59 -18.95
CA ILE A 71 0.29 -5.32 -18.31
C ILE A 71 -0.12 -5.59 -16.87
N ARG A 72 0.44 -4.80 -15.95
CA ARG A 72 0.08 -4.86 -14.54
C ARG A 72 0.02 -3.45 -13.99
N MET A 73 -0.61 -3.31 -12.82
CA MET A 73 -0.60 -2.08 -12.06
C MET A 73 -0.22 -2.40 -10.63
N ILE A 74 0.69 -1.61 -10.06
CA ILE A 74 1.23 -1.88 -8.74
C ILE A 74 0.53 -1.05 -7.66
N THR A 75 0.19 0.19 -7.97
CA THR A 75 -0.39 1.08 -6.98
C THR A 75 -1.85 0.69 -6.70
N PRO A 76 -2.24 0.54 -5.43
CA PRO A 76 -3.66 0.30 -5.13
C PRO A 76 -4.52 1.42 -5.67
N ASN A 77 -5.49 1.03 -6.50
CA ASN A 77 -6.28 1.99 -7.27
C ASN A 77 -7.77 1.78 -7.20
N GLY A 78 -8.26 0.58 -6.87
CA GLY A 78 -9.67 0.31 -6.83
C GLY A 78 -10.28 -0.13 -8.14
N ARG A 79 -9.52 -0.06 -9.24
CA ARG A 79 -9.98 -0.52 -10.54
C ARG A 79 -9.43 -1.90 -10.90
N PHE A 80 -8.13 -2.11 -10.69
CA PHE A 80 -7.48 -3.37 -11.01
C PHE A 80 -6.88 -3.99 -9.76
N LYS A 81 -6.82 -5.31 -9.75
CA LYS A 81 -6.13 -6.04 -8.69
C LYS A 81 -4.63 -5.83 -8.85
N PRO A 82 -3.92 -5.34 -7.84
CA PRO A 82 -2.49 -5.06 -8.01
C PRO A 82 -1.68 -6.31 -8.29
N ASN A 83 -0.60 -6.13 -9.06
CA ASN A 83 0.36 -7.19 -9.36
C ASN A 83 -0.31 -8.39 -10.04
N THR A 84 -1.32 -8.10 -10.87
CA THR A 84 -2.04 -9.13 -11.61
C THR A 84 -2.09 -8.75 -13.08
N ARG A 85 -1.87 -9.74 -13.94
CA ARG A 85 -1.95 -9.50 -15.38
C ARG A 85 -3.36 -9.09 -15.78
N LEU A 86 -3.45 -7.90 -16.38
CA LEU A 86 -4.74 -7.33 -16.76
C LEU A 86 -5.08 -7.72 -18.21
N LYS A 87 -6.29 -8.20 -18.41
CA LYS A 87 -6.76 -8.61 -19.74
C LYS A 87 -7.27 -7.38 -20.48
N LEU A 88 -6.47 -6.87 -21.41
CA LEU A 88 -6.83 -5.72 -22.21
C LEU A 88 -6.69 -6.09 -23.69
N SER A 89 -7.30 -5.26 -24.55
CA SER A 89 -7.31 -5.55 -25.98
C SER A 89 -5.90 -5.72 -26.51
N MET A 90 -4.99 -4.81 -26.15
CA MET A 90 -3.58 -4.91 -26.52
C MET A 90 -2.80 -5.37 -25.29
N SER A 91 -2.78 -6.68 -25.08
CA SER A 91 -2.05 -7.29 -23.98
C SER A 91 -1.76 -8.73 -24.34
N ASP A 92 -0.97 -9.39 -23.48
CA ASP A 92 -0.59 -10.77 -23.74
C ASP A 92 -1.77 -11.73 -23.61
N TYR A 93 -2.95 -11.25 -23.20
CA TYR A 93 -4.15 -12.08 -23.23
C TYR A 93 -4.70 -12.24 -24.63
N HIS A 94 -4.30 -11.39 -25.58
CA HIS A 94 -4.73 -11.47 -26.97
C HIS A 94 -3.51 -11.56 -27.87
N PRO A 95 -2.86 -12.73 -27.93
CA PRO A 95 -1.67 -12.83 -28.80
C PRO A 95 -2.01 -12.89 -30.27
N ASP A 96 -3.12 -13.54 -30.64
CA ASP A 96 -3.43 -13.72 -32.06
C ASP A 96 -3.93 -12.45 -32.71
N THR A 97 -4.49 -11.52 -31.93
CA THR A 97 -4.94 -10.25 -32.46
C THR A 97 -3.80 -9.24 -32.58
N TRP A 98 -2.64 -9.52 -32.00
CA TRP A 98 -1.57 -8.54 -31.90
C TRP A 98 -1.06 -8.14 -33.28
N ASN A 99 -0.66 -6.88 -33.38
CA ASN A 99 -0.07 -6.32 -34.60
C ASN A 99 1.25 -5.67 -34.22
N PRO A 100 2.37 -6.11 -34.79
CA PRO A 100 3.67 -5.54 -34.40
C PRO A 100 3.78 -4.04 -34.64
N GLY A 101 3.04 -3.50 -35.60
CA GLY A 101 3.13 -2.08 -35.90
C GLY A 101 2.54 -1.16 -34.85
N TRP A 102 1.77 -1.69 -33.92
CA TRP A 102 1.17 -0.85 -32.89
C TRP A 102 2.23 -0.23 -31.99
N SER A 103 2.05 1.05 -31.68
CA SER A 103 3.00 1.76 -30.85
C SER A 103 2.74 1.48 -29.37
N VAL A 104 3.77 1.75 -28.55
CA VAL A 104 3.64 1.56 -27.12
C VAL A 104 2.64 2.56 -26.53
N SER A 105 2.59 3.78 -27.07
CA SER A 105 1.63 4.77 -26.56
C SER A 105 0.20 4.31 -26.74
N THR A 106 -0.09 3.56 -27.80
CA THR A 106 -1.44 3.04 -28.00
C THR A 106 -1.77 1.98 -26.96
N ILE A 107 -0.78 1.18 -26.54
CA ILE A 107 -1.01 0.18 -25.51
C ILE A 107 -1.38 0.86 -24.19
N LEU A 108 -0.67 1.93 -23.84
CA LEU A 108 -0.93 2.63 -22.58
C LEU A 108 -2.25 3.39 -22.64
N ASN A 109 -2.57 3.99 -23.78
CA ASN A 109 -3.85 4.67 -23.92
C ASN A 109 -5.01 3.69 -23.82
N GLY A 110 -4.82 2.46 -24.30
CA GLY A 110 -5.86 1.45 -24.12
C GLY A 110 -6.04 1.08 -22.65
N LEU A 111 -4.95 1.01 -21.90
CA LEU A 111 -5.04 0.76 -20.47
C LEU A 111 -5.71 1.92 -19.74
N LEU A 112 -5.35 3.16 -20.11
CA LEU A 112 -5.91 4.32 -19.44
C LEU A 112 -7.40 4.46 -19.74
N SER A 113 -7.78 4.31 -21.01
CA SER A 113 -9.19 4.45 -21.38
C SER A 113 -10.04 3.37 -20.74
N PHE A 114 -9.53 2.14 -20.67
CA PHE A 114 -10.28 1.07 -20.03
C PHE A 114 -10.36 1.28 -18.52
N MET A 115 -9.37 1.97 -17.95
CA MET A 115 -9.39 2.23 -16.51
C MET A 115 -10.47 3.23 -16.14
N THR A 116 -10.64 4.29 -16.93
CA THR A 116 -11.64 5.31 -16.65
C THR A 116 -13.06 4.87 -17.00
N SER A 117 -13.22 3.77 -17.74
CA SER A 117 -14.54 3.19 -17.96
C SER A 117 -14.86 2.25 -16.81
N ASP A 118 -15.95 1.47 -16.94
CA ASP A 118 -16.34 0.54 -15.90
C ASP A 118 -16.62 -0.86 -16.47
N GLU A 119 -16.07 -1.18 -17.63
CA GLU A 119 -16.24 -2.52 -18.19
C GLU A 119 -15.40 -3.51 -17.41
N ALA A 120 -15.96 -4.70 -17.17
CA ALA A 120 -15.27 -5.73 -16.41
C ALA A 120 -14.28 -6.46 -17.29
N THR A 121 -13.23 -6.99 -16.66
CA THR A 121 -12.22 -7.79 -17.36
C THR A 121 -11.44 -8.55 -16.30
N THR A 122 -10.66 -9.54 -16.77
CA THR A 122 -9.81 -10.31 -15.87
C THR A 122 -8.77 -9.41 -15.23
N GLY A 123 -8.74 -9.37 -13.91
N GLY A 123 -8.74 -9.37 -13.91
CA GLY A 123 -7.86 -8.51 -13.15
CA GLY A 123 -7.86 -8.51 -13.15
C GLY A 123 -8.52 -7.30 -12.56
C GLY A 123 -8.53 -7.29 -12.56
N SER A 124 -9.71 -6.92 -13.05
CA SER A 124 -10.42 -5.78 -12.52
C SER A 124 -11.16 -6.16 -11.24
N ILE A 125 -11.38 -5.16 -10.38
CA ILE A 125 -12.05 -5.36 -9.10
C ILE A 125 -13.21 -4.38 -9.00
N THR A 126 -14.12 -4.69 -8.08
CA THR A 126 -15.32 -3.89 -7.85
C THR A 126 -15.16 -3.11 -6.54
N THR A 127 -15.17 -1.79 -6.64
CA THR A 127 -15.07 -0.92 -5.48
C THR A 127 -16.07 0.22 -5.61
N SER A 128 -16.25 0.96 -4.53
CA SER A 128 -17.14 2.12 -4.54
C SER A 128 -16.35 3.38 -4.91
N ASP A 129 -17.07 4.50 -5.03
CA ASP A 129 -16.42 5.75 -5.41
C ASP A 129 -15.59 6.31 -4.26
N HIS A 130 -16.09 6.20 -3.02
CA HIS A 130 -15.31 6.63 -1.87
C HIS A 130 -13.99 5.86 -1.79
N GLN A 131 -14.01 4.59 -2.17
CA GLN A 131 -12.80 3.78 -2.10
C GLN A 131 -11.82 4.16 -3.19
N LYS A 132 -12.31 4.43 -4.40
CA LYS A 132 -11.43 4.90 -5.48
C LYS A 132 -10.80 6.23 -5.13
N LYS A 133 -11.59 7.17 -4.61
CA LYS A 133 -11.04 8.48 -4.25
C LYS A 133 -10.12 8.39 -3.04
N THR A 134 -10.38 7.45 -2.13
CA THR A 134 -9.47 7.25 -0.99
C THR A 134 -8.11 6.77 -1.47
N LEU A 135 -8.08 5.79 -2.37
CA LEU A 135 -6.82 5.27 -2.88
C LEU A 135 -6.11 6.30 -3.76
N ALA A 136 -6.87 7.17 -4.42
CA ALA A 136 -6.23 8.22 -5.21
C ALA A 136 -5.46 9.19 -4.33
N ARG A 137 -6.01 9.52 -3.16
CA ARG A 137 -5.31 10.40 -2.24
C ARG A 137 -4.09 9.71 -1.63
N ASN A 138 -4.21 8.42 -1.32
CA ASN A 138 -3.13 7.69 -0.68
C ASN A 138 -2.08 7.19 -1.67
N SER A 139 -2.30 7.38 -2.98
CA SER A 139 -1.41 6.79 -3.98
C SER A 139 -0.01 7.41 -3.89
N ILE A 140 0.08 8.72 -3.70
CA ILE A 140 1.39 9.38 -3.62
C ILE A 140 2.18 8.85 -2.44
N SER A 141 1.53 8.70 -1.28
CA SER A 141 2.22 8.15 -0.12
C SER A 141 2.62 6.70 -0.31
N TYR A 142 1.83 5.94 -1.09
CA TYR A 142 2.15 4.54 -1.30
C TYR A 142 3.41 4.39 -2.17
N ASN A 143 3.43 5.06 -3.31
CA ASN A 143 4.58 4.94 -4.21
C ASN A 143 5.85 5.48 -3.57
N THR A 144 5.72 6.42 -2.62
CA THR A 144 6.89 7.05 -2.04
C THR A 144 7.53 6.18 -0.97
N PHE A 145 6.73 5.47 -0.18
CA PHE A 145 7.24 4.75 0.98
C PHE A 145 6.97 3.25 0.99
N GLN A 146 6.04 2.76 0.16
CA GLN A 146 5.70 1.33 0.16
C GLN A 146 5.84 0.71 -1.22
N ASN A 147 6.61 1.32 -2.13
CA ASN A 147 6.79 0.81 -3.48
C ASN A 147 8.29 0.86 -3.79
N VAL A 148 8.96 -0.28 -3.65
CA VAL A 148 10.41 -0.33 -3.85
C VAL A 148 10.75 -0.10 -5.31
N ARG A 149 10.04 -0.76 -6.22
CA ARG A 149 10.32 -0.62 -7.64
C ARG A 149 10.10 0.81 -8.12
N PHE A 150 9.10 1.49 -7.54
CA PHE A 150 8.89 2.90 -7.87
C PHE A 150 10.08 3.75 -7.45
N LYS A 151 10.66 3.45 -6.30
CA LYS A 151 11.81 4.21 -5.81
C LYS A 151 13.05 3.95 -6.64
N LEU A 152 13.17 2.75 -7.22
CA LEU A 152 14.34 2.41 -8.03
C LEU A 152 14.23 2.95 -9.45
N ILE A 153 13.02 3.00 -10.00
CA ILE A 153 12.83 3.45 -11.39
C ILE A 153 12.61 4.95 -11.45
N PHE A 154 11.83 5.52 -10.53
CA PHE A 154 11.51 6.95 -10.50
C PHE A 154 12.03 7.57 -9.21
N PRO A 155 13.35 7.76 -9.09
CA PRO A 155 13.86 8.40 -7.87
C PRO A 155 13.54 9.88 -7.81
N GLU A 156 13.49 10.57 -8.95
CA GLU A 156 13.18 11.99 -8.94
C GLU A 156 11.72 12.25 -8.61
N VAL A 157 10.83 11.33 -8.99
CA VAL A 157 9.42 11.49 -8.65
C VAL A 157 9.21 11.27 -7.16
N VAL A 158 9.98 10.35 -6.56
CA VAL A 158 9.92 10.16 -5.11
C VAL A 158 10.26 11.45 -4.40
N GLN A 159 11.25 12.19 -4.91
CA GLN A 159 11.62 13.46 -4.29
C GLN A 159 10.53 14.51 -4.49
N GLU A 160 9.92 14.55 -5.67
CA GLU A 160 8.80 15.46 -5.90
C GLU A 160 7.62 15.11 -5.00
N ASN A 161 7.40 13.81 -4.75
CA ASN A 161 6.31 13.39 -3.89
C ASN A 161 6.55 13.82 -2.45
N VAL A 162 7.78 13.68 -1.96
CA VAL A 162 8.10 14.13 -0.61
C VAL A 162 7.86 15.64 -0.48
N GLU A 163 8.25 16.40 -1.50
CA GLU A 163 7.97 17.83 -1.49
C GLU A 163 6.46 18.09 -1.51
N THR A 164 5.72 17.31 -2.30
CA THR A 164 4.27 17.48 -2.35
C THR A 164 3.62 17.19 -1.01
N LEU A 165 4.06 16.12 -0.34
CA LEU A 165 3.46 15.74 0.94
C LEU A 165 3.82 16.73 2.03
N GLU A 166 5.07 17.20 2.06
CA GLU A 166 5.48 18.17 3.09
C GLU A 166 4.62 19.43 3.01
N LYS A 167 4.43 19.96 1.79
CA LYS A 167 3.66 21.19 1.63
C LYS A 167 2.21 21.00 2.04
N ARG A 168 1.65 19.81 1.77
CA ARG A 168 0.28 19.51 2.20
C ARG A 168 0.15 19.50 3.72
N LYS A 169 1.24 19.19 4.44
CA LYS A 169 1.28 19.21 5.89
C LYS A 169 1.69 20.57 6.45
N LEU A 170 1.50 21.64 5.69
CA LEU A 170 1.85 22.98 6.14
C LEU A 170 0.68 23.94 5.96
N THR B 3 -13.78 3.77 4.52
CA THR B 3 -15.04 3.07 4.70
C THR B 3 -15.69 3.44 6.03
N LYS B 4 -17.01 3.37 6.09
CA LYS B 4 -17.74 3.90 7.24
C LYS B 4 -17.57 3.04 8.48
N GLN B 5 -17.64 1.71 8.33
CA GLN B 5 -17.53 0.84 9.50
C GLN B 5 -16.17 0.98 10.16
N ALA B 6 -15.10 0.94 9.36
CA ALA B 6 -13.76 1.00 9.94
C ALA B 6 -13.46 2.39 10.48
N HIS B 7 -13.93 3.44 9.80
CA HIS B 7 -13.71 4.80 10.29
C HIS B 7 -14.30 5.00 11.68
N LYS B 8 -15.53 4.53 11.89
CA LYS B 8 -16.15 4.67 13.20
C LYS B 8 -15.45 3.82 14.25
N ARG B 9 -15.08 2.59 13.88
CA ARG B 9 -14.36 1.71 14.81
C ARG B 9 -12.99 2.29 15.16
N LEU B 10 -12.22 2.69 14.14
CA LEU B 10 -10.90 3.24 14.38
C LEU B 10 -10.96 4.59 15.09
N THR B 11 -12.02 5.37 14.85
CA THR B 11 -12.22 6.60 15.62
C THR B 11 -12.45 6.27 17.09
N LYS B 12 -13.22 5.21 17.37
CA LYS B 12 -13.41 4.78 18.74
C LYS B 12 -12.11 4.27 19.34
N GLU B 13 -11.35 3.46 18.59
CA GLU B 13 -10.07 2.95 19.08
C GLU B 13 -9.14 4.09 19.49
N TYR B 14 -9.09 5.16 18.70
CA TYR B 14 -8.21 6.28 19.01
C TYR B 14 -8.59 6.95 20.32
N LYS B 15 -9.89 7.18 20.53
CA LYS B 15 -10.35 7.78 21.79
C LYS B 15 -9.98 6.90 22.98
N LEU B 16 -10.22 5.59 22.86
CA LEU B 16 -9.83 4.67 23.93
C LEU B 16 -8.32 4.73 24.18
N MET B 17 -7.53 4.92 23.11
CA MET B 17 -6.09 5.00 23.28
C MET B 17 -5.68 6.34 23.88
N VAL B 18 -6.38 7.42 23.51
CA VAL B 18 -6.10 8.72 24.12
C VAL B 18 -6.43 8.69 25.61
N GLU B 19 -7.53 8.02 25.98
CA GLU B 19 -7.93 7.98 27.37
C GLU B 19 -6.93 7.19 28.20
N ASN B 20 -6.55 6.00 27.73
CA ASN B 20 -5.59 5.14 28.44
C ASN B 20 -4.62 4.54 27.45
N PRO B 21 -3.51 5.23 27.18
CA PRO B 21 -2.51 4.68 26.27
C PRO B 21 -1.85 3.45 26.86
N PRO B 22 -1.55 2.44 26.05
CA PRO B 22 -0.82 1.29 26.57
C PRO B 22 0.56 1.69 27.03
N PRO B 23 1.08 1.04 28.06
CA PRO B 23 2.41 1.41 28.58
C PRO B 23 3.48 1.27 27.51
N TYR B 24 4.32 2.30 27.40
CA TYR B 24 5.47 2.44 26.51
C TYR B 24 5.06 2.75 25.06
N ILE B 25 3.76 2.76 24.73
CA ILE B 25 3.31 2.83 23.34
C ILE B 25 2.44 4.06 23.16
N LEU B 26 2.74 4.85 22.15
CA LEU B 26 1.89 5.94 21.68
C LEU B 26 1.49 5.64 20.24
N ALA B 27 0.25 5.96 19.88
CA ALA B 27 -0.21 5.71 18.53
C ALA B 27 -1.36 6.64 18.19
N ARG B 28 -1.40 7.06 16.92
CA ARG B 28 -2.48 7.87 16.40
C ARG B 28 -2.62 7.59 14.91
N PRO B 29 -3.80 7.77 14.34
CA PRO B 29 -3.98 7.54 12.90
C PRO B 29 -3.53 8.74 12.08
N ASN B 30 -3.10 8.45 10.85
CA ASN B 30 -2.78 9.50 9.90
C ASN B 30 -4.03 10.33 9.62
N GLU B 31 -3.93 11.65 9.84
CA GLU B 31 -5.09 12.51 9.67
C GLU B 31 -5.64 12.48 8.25
N ASP B 32 -4.83 12.06 7.27
CA ASP B 32 -5.28 11.91 5.90
C ASP B 32 -5.66 10.48 5.56
N ASN B 33 -5.52 9.54 6.49
CA ASN B 33 -5.85 8.14 6.23
C ASN B 33 -6.03 7.44 7.57
N ILE B 34 -7.29 7.14 7.92
CA ILE B 34 -7.58 6.49 9.18
C ILE B 34 -7.04 5.07 9.23
N LEU B 35 -6.82 4.44 8.08
CA LEU B 35 -6.32 3.07 8.03
C LEU B 35 -4.84 2.95 8.37
N GLU B 36 -4.09 4.05 8.27
CA GLU B 36 -2.65 4.05 8.50
C GLU B 36 -2.36 4.72 9.84
N TRP B 37 -2.03 3.90 10.84
CA TRP B 37 -1.66 4.39 12.16
C TRP B 37 -0.15 4.42 12.30
N HIS B 38 0.34 5.38 13.09
CA HIS B 38 1.77 5.55 13.34
C HIS B 38 2.01 5.42 14.84
N TYR B 39 2.85 4.47 15.23
CA TYR B 39 3.14 4.23 16.63
C TYR B 39 4.57 4.65 16.97
N ILE B 40 4.77 4.96 18.25
CA ILE B 40 6.09 5.23 18.81
C ILE B 40 6.27 4.32 20.02
N ILE B 41 7.26 3.44 19.95
CA ILE B 41 7.54 2.50 21.03
C ILE B 41 8.73 3.02 21.82
N THR B 42 8.54 3.19 23.13
CA THR B 42 9.62 3.54 24.04
C THR B 42 10.19 2.27 24.64
N GLY B 43 11.49 2.07 24.47
CA GLY B 43 12.15 0.87 24.93
C GLY B 43 12.06 0.68 26.44
N PRO B 44 11.59 -0.49 26.87
CA PRO B 44 11.51 -0.79 28.29
C PRO B 44 12.90 -0.81 28.94
N ALA B 45 12.90 -0.79 30.27
CA ALA B 45 14.16 -0.66 31.01
C ALA B 45 15.00 -1.93 30.91
N ASP B 46 14.39 -3.09 31.12
CA ASP B 46 15.15 -4.34 31.16
C ASP B 46 15.70 -4.70 29.79
N THR B 47 15.03 -4.28 28.72
CA THR B 47 15.45 -4.64 27.37
C THR B 47 16.64 -3.79 26.94
N PRO B 48 17.46 -4.30 26.01
CA PRO B 48 18.57 -3.48 25.48
C PRO B 48 18.11 -2.27 24.70
N TYR B 49 16.83 -2.19 24.34
CA TYR B 49 16.28 -1.06 23.61
C TYR B 49 15.91 0.11 24.50
N LYS B 50 16.40 0.13 25.74
CA LYS B 50 16.01 1.14 26.70
C LYS B 50 16.32 2.54 26.19
N GLY B 51 15.42 3.48 26.45
CA GLY B 51 15.57 4.84 26.00
C GLY B 51 15.40 5.05 24.51
N GLY B 52 15.04 4.00 23.76
CA GLY B 52 14.91 4.14 22.33
C GLY B 52 13.55 4.69 21.92
N GLN B 53 13.56 5.56 20.92
CA GLN B 53 12.36 6.12 20.34
C GLN B 53 12.14 5.43 18.99
N TYR B 54 11.10 4.62 18.89
CA TYR B 54 10.93 3.66 17.80
C TYR B 54 9.65 3.97 17.04
N HIS B 55 9.79 4.47 15.82
CA HIS B 55 8.66 4.82 14.98
C HIS B 55 8.31 3.68 14.05
N GLY B 56 7.01 3.41 13.92
CA GLY B 56 6.53 2.36 13.02
C GLY B 56 5.10 2.66 12.62
N THR B 57 4.60 1.85 11.70
CA THR B 57 3.27 2.03 11.14
C THR B 57 2.40 0.80 11.34
N LEU B 58 1.09 1.03 11.39
CA LEU B 58 0.08 -0.02 11.44
C LEU B 58 -0.90 0.26 10.30
N THR B 59 -0.78 -0.48 9.21
CA THR B 59 -1.58 -0.25 8.01
C THR B 59 -2.75 -1.23 8.01
N PHE B 60 -3.94 -0.73 8.34
CA PHE B 60 -5.11 -1.58 8.41
C PHE B 60 -5.69 -1.79 7.01
N PRO B 61 -6.09 -3.01 6.68
CA PRO B 61 -6.63 -3.29 5.34
C PRO B 61 -7.98 -2.63 5.14
N SER B 62 -8.42 -2.62 3.88
CA SER B 62 -9.69 -1.98 3.54
C SER B 62 -10.87 -2.74 4.13
N ASP B 63 -10.74 -4.05 4.35
CA ASP B 63 -11.80 -4.85 4.94
C ASP B 63 -11.78 -4.83 6.46
N TYR B 64 -11.25 -3.77 7.07
CA TYR B 64 -11.27 -3.65 8.52
C TYR B 64 -12.71 -3.57 9.00
N PRO B 65 -13.05 -4.20 10.13
CA PRO B 65 -12.12 -4.91 11.03
C PRO B 65 -12.02 -6.42 10.85
N TYR B 66 -12.01 -6.91 9.61
CA TYR B 66 -12.06 -8.34 9.39
C TYR B 66 -10.71 -8.97 9.05
N LYS B 67 -9.68 -8.17 8.78
CA LYS B 67 -8.36 -8.72 8.52
C LYS B 67 -7.31 -7.98 9.34
N PRO B 68 -6.19 -8.63 9.66
CA PRO B 68 -5.17 -7.99 10.49
C PRO B 68 -4.45 -6.90 9.72
N PRO B 69 -3.82 -5.95 10.42
CA PRO B 69 -3.06 -4.91 9.73
C PRO B 69 -1.66 -5.37 9.36
N ALA B 70 -1.04 -4.62 8.46
CA ALA B 70 0.35 -4.83 8.09
C ALA B 70 1.23 -4.01 9.02
N ILE B 71 2.19 -4.67 9.66
CA ILE B 71 3.04 -4.04 10.67
C ILE B 71 4.40 -3.78 10.08
N ARG B 72 4.89 -2.54 10.23
CA ARG B 72 6.22 -2.16 9.80
C ARG B 72 6.89 -1.34 10.88
N MET B 73 8.21 -1.28 10.79
CA MET B 73 9.02 -0.45 11.69
C MET B 73 9.95 0.40 10.85
N ILE B 74 10.04 1.68 11.21
CA ILE B 74 10.78 2.65 10.40
C ILE B 74 12.12 2.99 11.03
N THR B 75 12.16 3.21 12.33
CA THR B 75 13.40 3.59 13.00
C THR B 75 14.35 2.40 13.03
N PRO B 76 15.62 2.58 12.66
CA PRO B 76 16.61 1.50 12.83
C PRO B 76 16.72 1.12 14.30
N ASN B 77 16.63 -0.18 14.57
CA ASN B 77 16.48 -0.65 15.95
C ASN B 77 17.32 -1.88 16.28
N GLY B 78 17.69 -2.71 15.31
CA GLY B 78 18.47 -3.91 15.59
C GLY B 78 17.65 -5.17 15.73
N ARG B 79 16.34 -5.05 15.89
CA ARG B 79 15.44 -6.19 16.03
C ARG B 79 14.68 -6.50 14.75
N PHE B 80 14.20 -5.48 14.05
CA PHE B 80 13.46 -5.65 12.80
C PHE B 80 14.13 -4.89 11.68
N LYS B 81 14.02 -5.43 10.47
CA LYS B 81 14.51 -4.74 9.30
C LYS B 81 13.60 -3.55 8.99
N PRO B 82 14.15 -2.35 8.87
CA PRO B 82 13.29 -1.16 8.71
C PRO B 82 12.46 -1.22 7.43
N ASN B 83 11.24 -0.67 7.53
CA ASN B 83 10.33 -0.55 6.39
C ASN B 83 9.98 -1.90 5.77
N THR B 84 10.03 -2.96 6.57
CA THR B 84 9.74 -4.31 6.09
C THR B 84 8.50 -4.84 6.79
N ARG B 85 7.52 -5.29 6.00
CA ARG B 85 6.32 -5.88 6.56
C ARG B 85 6.68 -7.13 7.36
N LEU B 86 6.19 -7.19 8.60
CA LEU B 86 6.51 -8.29 9.50
C LEU B 86 5.46 -9.38 9.40
N LYS B 87 5.91 -10.61 9.24
CA LYS B 87 5.03 -11.77 9.09
C LYS B 87 4.64 -12.21 10.49
N LEU B 88 3.54 -11.66 11.00
CA LEU B 88 2.99 -12.01 12.30
C LEU B 88 1.61 -12.59 12.12
N SER B 89 1.43 -13.84 12.56
CA SER B 89 0.15 -14.53 12.48
C SER B 89 -0.30 -14.93 13.88
N MET B 90 -1.56 -15.35 13.95
CA MET B 90 -2.16 -15.75 15.22
C MET B 90 -2.11 -17.27 15.33
N SER B 91 -1.44 -17.77 16.37
CA SER B 91 -1.26 -19.20 16.58
C SER B 91 -2.61 -19.92 16.64
N ASP B 92 -2.90 -20.74 15.64
CA ASP B 92 -4.19 -21.39 15.54
C ASP B 92 -4.09 -22.59 14.61
N TYR B 93 -5.09 -23.47 14.71
CA TYR B 93 -5.20 -24.59 13.79
C TYR B 93 -5.20 -24.11 12.34
N HIS B 94 -5.94 -23.02 12.07
CA HIS B 94 -5.84 -22.34 10.80
C HIS B 94 -5.00 -21.09 10.98
N PRO B 95 -3.90 -20.92 10.25
CA PRO B 95 -3.07 -19.73 10.45
C PRO B 95 -3.75 -18.42 10.05
N ASP B 96 -4.74 -18.47 9.15
CA ASP B 96 -5.40 -17.27 8.67
C ASP B 96 -6.61 -16.93 9.55
N THR B 97 -6.35 -16.74 10.84
CA THR B 97 -7.38 -16.39 11.81
C THR B 97 -7.09 -15.00 12.36
N TRP B 98 -8.13 -14.17 12.41
CA TRP B 98 -8.03 -12.81 12.92
C TRP B 98 -9.31 -12.47 13.67
N ASN B 99 -9.19 -12.23 14.97
CA ASN B 99 -10.35 -11.83 15.77
C ASN B 99 -10.69 -10.37 15.47
N PRO B 100 -11.86 -10.09 14.91
CA PRO B 100 -12.20 -8.70 14.57
C PRO B 100 -12.36 -7.78 15.77
N GLY B 101 -12.38 -8.31 16.99
CA GLY B 101 -12.61 -7.52 18.18
C GLY B 101 -11.37 -7.10 18.96
N TRP B 102 -10.17 -7.35 18.45
CA TRP B 102 -8.95 -6.95 19.14
C TRP B 102 -8.69 -5.47 18.95
N SER B 103 -8.53 -4.75 20.06
CA SER B 103 -8.27 -3.32 19.99
C SER B 103 -6.88 -3.05 19.44
N VAL B 104 -6.66 -1.80 19.03
CA VAL B 104 -5.35 -1.39 18.54
C VAL B 104 -4.31 -1.50 19.64
N SER B 105 -4.68 -1.13 20.87
CA SER B 105 -3.77 -1.26 22.00
C SER B 105 -3.38 -2.72 22.23
N THR B 106 -4.30 -3.66 21.99
CA THR B 106 -3.97 -5.07 22.11
C THR B 106 -2.95 -5.48 21.04
N ILE B 107 -3.10 -4.96 19.83
CA ILE B 107 -2.17 -5.32 18.75
C ILE B 107 -0.78 -4.76 19.02
N LEU B 108 -0.71 -3.52 19.51
CA LEU B 108 0.58 -2.90 19.76
C LEU B 108 1.29 -3.53 20.96
N ASN B 109 0.53 -3.87 22.01
CA ASN B 109 1.14 -4.52 23.16
C ASN B 109 1.71 -5.88 22.78
N GLY B 110 1.03 -6.60 21.87
CA GLY B 110 1.58 -7.85 21.39
C GLY B 110 2.83 -7.65 20.56
N LEU B 111 2.89 -6.55 19.81
CA LEU B 111 4.07 -6.25 19.01
C LEU B 111 5.27 -5.98 19.91
N LEU B 112 5.08 -5.17 20.95
CA LEU B 112 6.17 -4.87 21.86
C LEU B 112 6.62 -6.13 22.60
N SER B 113 5.68 -6.99 22.97
CA SER B 113 6.05 -8.24 23.65
C SER B 113 6.86 -9.14 22.73
N PHE B 114 6.56 -9.11 21.42
CA PHE B 114 7.37 -9.86 20.47
C PHE B 114 8.74 -9.22 20.31
N MET B 115 8.78 -7.89 20.20
CA MET B 115 10.05 -7.20 20.03
C MET B 115 10.98 -7.43 21.20
N THR B 116 10.42 -7.54 22.41
CA THR B 116 11.24 -7.80 23.59
C THR B 116 11.74 -9.23 23.65
N SER B 117 11.08 -10.15 22.95
CA SER B 117 11.50 -11.55 22.95
C SER B 117 12.60 -11.76 21.92
N ASP B 118 12.94 -13.01 21.64
CA ASP B 118 13.96 -13.36 20.67
C ASP B 118 13.44 -14.21 19.52
N GLU B 119 12.12 -14.31 19.37
CA GLU B 119 11.55 -15.10 18.29
C GLU B 119 11.86 -14.46 16.94
N ALA B 120 12.07 -15.30 15.93
CA ALA B 120 12.41 -14.87 14.59
C ALA B 120 11.21 -15.02 13.66
N THR B 121 11.16 -14.18 12.64
CA THR B 121 10.10 -14.21 11.64
C THR B 121 10.60 -13.47 10.40
N THR B 122 9.75 -13.41 9.38
CA THR B 122 10.07 -12.62 8.19
C THR B 122 10.14 -11.15 8.57
N GLY B 123 11.34 -10.58 8.53
N GLY B 123 11.34 -10.58 8.53
CA GLY B 123 11.59 -9.23 8.99
CA GLY B 123 11.59 -9.23 8.99
C GLY B 123 12.48 -9.16 10.21
C GLY B 123 12.49 -9.15 10.21
N SER B 124 12.68 -10.27 10.91
CA SER B 124 13.57 -10.30 12.05
C SER B 124 15.02 -10.29 11.59
N ILE B 125 15.83 -9.42 12.19
CA ILE B 125 17.25 -9.34 11.87
C ILE B 125 18.05 -9.80 13.09
N THR B 126 19.27 -10.25 12.83
CA THR B 126 20.15 -10.78 13.85
C THR B 126 21.32 -9.82 14.05
N THR B 127 21.31 -9.09 15.15
CA THR B 127 22.42 -8.24 15.56
C THR B 127 22.82 -8.62 16.99
N SER B 128 23.78 -7.89 17.53
CA SER B 128 24.24 -8.13 18.89
C SER B 128 23.42 -7.28 19.86
N ASP B 129 23.88 -7.18 21.11
CA ASP B 129 23.26 -6.29 22.07
C ASP B 129 23.90 -4.90 22.06
N HIS B 130 25.18 -4.80 21.70
CA HIS B 130 25.82 -3.50 21.59
C HIS B 130 25.23 -2.67 20.47
N GLN B 131 24.70 -3.33 19.43
CA GLN B 131 24.10 -2.60 18.32
C GLN B 131 22.69 -2.13 18.67
N LYS B 132 21.93 -2.94 19.40
CA LYS B 132 20.60 -2.53 19.83
C LYS B 132 20.67 -1.33 20.77
N LYS B 133 21.71 -1.28 21.61
CA LYS B 133 21.87 -0.14 22.51
C LYS B 133 22.30 1.10 21.75
N THR B 134 23.17 0.94 20.75
CA THR B 134 23.63 2.09 19.98
C THR B 134 22.50 2.70 19.17
N LEU B 135 21.72 1.86 18.48
CA LEU B 135 20.57 2.36 17.74
C LEU B 135 19.51 2.95 18.66
N ALA B 136 19.42 2.44 19.90
CA ALA B 136 18.49 3.01 20.86
C ALA B 136 18.90 4.43 21.25
N ARG B 137 20.21 4.69 21.32
CA ARG B 137 20.66 6.03 21.68
C ARG B 137 20.49 7.00 20.52
N ASN B 138 20.75 6.55 19.30
CA ASN B 138 20.64 7.41 18.12
C ASN B 138 19.25 7.41 17.51
N SER B 139 18.30 6.67 18.10
CA SER B 139 16.95 6.61 17.55
C SER B 139 16.28 7.98 17.57
N ILE B 140 16.47 8.73 18.65
CA ILE B 140 15.87 10.06 18.76
C ILE B 140 16.42 10.98 17.68
N SER B 141 17.72 10.89 17.43
CA SER B 141 18.32 11.70 16.36
C SER B 141 17.79 11.29 15.00
N TYR B 142 17.59 9.99 14.78
CA TYR B 142 17.11 9.53 13.48
C TYR B 142 15.72 10.07 13.19
N ASN B 143 14.80 9.94 14.14
CA ASN B 143 13.42 10.39 13.91
C ASN B 143 13.34 11.89 13.69
N THR B 144 14.24 12.65 14.31
CA THR B 144 14.19 14.11 14.23
C THR B 144 14.75 14.63 12.91
N PHE B 145 15.75 13.97 12.34
CA PHE B 145 16.45 14.47 11.17
C PHE B 145 16.35 13.57 9.94
N GLN B 146 16.20 12.26 10.12
CA GLN B 146 16.26 11.32 9.00
C GLN B 146 14.95 10.59 8.75
N ASN B 147 13.87 10.99 9.39
CA ASN B 147 12.58 10.33 9.25
C ASN B 147 11.54 11.37 8.80
N VAL B 148 11.29 11.42 7.50
CA VAL B 148 10.37 12.42 6.95
C VAL B 148 8.95 12.17 7.46
N ARG B 149 8.54 10.90 7.52
CA ARG B 149 7.19 10.59 7.98
C ARG B 149 7.01 10.92 9.46
N PHE B 150 8.09 10.87 10.24
CA PHE B 150 8.00 11.25 11.65
C PHE B 150 7.67 12.72 11.81
N LYS B 151 8.32 13.58 11.02
CA LYS B 151 8.07 15.02 11.12
C LYS B 151 6.67 15.38 10.64
N LEU B 152 6.12 14.64 9.68
CA LEU B 152 4.78 14.93 9.20
C LEU B 152 3.72 14.50 10.21
N ILE B 153 3.91 13.35 10.83
CA ILE B 153 2.89 12.78 11.72
C ILE B 153 3.05 13.28 13.15
N PHE B 154 4.30 13.40 13.63
CA PHE B 154 4.57 13.80 15.02
C PHE B 154 5.40 15.08 15.02
N PRO B 155 4.78 16.23 14.71
CA PRO B 155 5.56 17.49 14.75
C PRO B 155 5.91 17.92 16.16
N GLU B 156 5.01 17.70 17.12
CA GLU B 156 5.30 18.09 18.50
C GLU B 156 6.35 17.18 19.14
N VAL B 157 6.31 15.89 18.79
CA VAL B 157 7.32 14.97 19.30
C VAL B 157 8.70 15.33 18.76
N VAL B 158 8.77 15.84 17.53
CA VAL B 158 10.02 16.36 17.00
C VAL B 158 10.52 17.51 17.88
N GLN B 159 9.60 18.35 18.35
CA GLN B 159 9.98 19.44 19.24
C GLN B 159 10.45 18.92 20.59
N GLU B 160 9.87 17.82 21.07
CA GLU B 160 10.36 17.21 22.30
C GLU B 160 11.73 16.59 22.10
N ASN B 161 12.01 16.11 20.89
CA ASN B 161 13.29 15.44 20.62
C ASN B 161 14.45 16.43 20.60
N VAL B 162 14.26 17.59 19.96
CA VAL B 162 15.35 18.56 19.88
C VAL B 162 15.68 19.10 21.27
N GLU B 163 14.65 19.30 22.11
CA GLU B 163 14.92 19.70 23.49
C GLU B 163 15.61 18.57 24.25
N THR B 164 15.23 17.33 23.99
CA THR B 164 15.85 16.20 24.68
C THR B 164 17.32 16.07 24.32
N LEU B 165 17.65 16.17 23.04
CA LEU B 165 19.03 16.01 22.61
C LEU B 165 19.93 17.11 23.18
N GLU B 166 19.41 18.32 23.30
CA GLU B 166 20.18 19.39 23.93
C GLU B 166 20.47 19.08 25.38
N LYS B 167 19.52 18.46 26.08
CA LYS B 167 19.76 18.04 27.46
C LYS B 167 20.73 16.86 27.51
N ARG B 168 20.79 16.05 26.45
CA ARG B 168 21.71 14.92 26.42
C ARG B 168 23.16 15.37 26.33
N LYS B 169 23.41 16.59 25.82
CA LYS B 169 24.77 17.11 25.84
C LYS B 169 25.27 17.29 27.27
N LEU B 170 24.40 17.76 28.16
CA LEU B 170 24.72 17.76 29.58
C LEU B 170 24.95 16.33 30.05
N ASP B 171 25.94 16.14 30.90
CA ASP B 171 26.41 14.81 31.31
C ASP B 171 26.84 14.02 30.09
N MET C 1 -13.92 23.04 -38.67
CA MET C 1 -12.58 23.22 -38.12
C MET C 1 -11.73 21.98 -38.35
N GLN C 2 -10.52 21.98 -37.77
CA GLN C 2 -9.59 20.88 -37.90
C GLN C 2 -9.33 20.24 -36.54
N ILE C 3 -9.17 18.92 -36.54
CA ILE C 3 -8.75 18.18 -35.36
C ILE C 3 -7.69 17.17 -35.78
N PHE C 4 -7.09 16.52 -34.79
CA PHE C 4 -6.04 15.53 -35.01
C PHE C 4 -6.42 14.21 -34.36
N VAL C 5 -6.01 13.11 -34.98
CA VAL C 5 -6.31 11.77 -34.49
C VAL C 5 -5.04 10.93 -34.60
N LYS C 6 -4.57 10.41 -33.48
CA LYS C 6 -3.44 9.48 -33.46
C LYS C 6 -3.96 8.06 -33.67
N THR C 7 -3.52 7.43 -34.75
CA THR C 7 -3.96 6.07 -35.07
C THR C 7 -3.26 5.06 -34.18
N LEU C 8 -3.58 3.79 -34.38
CA LEU C 8 -3.00 2.73 -33.55
C LEU C 8 -1.50 2.62 -33.75
N THR C 9 -1.02 2.80 -34.98
CA THR C 9 0.39 2.74 -35.29
C THR C 9 1.13 4.04 -34.97
N GLY C 10 0.53 4.92 -34.17
CA GLY C 10 1.16 6.16 -33.78
C GLY C 10 1.12 7.27 -34.80
N LYS C 11 0.48 7.06 -35.94
CA LYS C 11 0.46 8.09 -36.97
C LYS C 11 -0.61 9.13 -36.67
N THR C 12 -0.35 10.36 -37.12
CA THR C 12 -1.22 11.50 -36.87
C THR C 12 -1.88 11.93 -38.16
N ILE C 13 -3.22 11.95 -38.18
CA ILE C 13 -3.99 12.38 -39.34
C ILE C 13 -4.75 13.64 -38.97
N THR C 14 -5.19 14.35 -40.01
CA THR C 14 -5.93 15.60 -39.85
C THR C 14 -7.32 15.43 -40.46
N LEU C 15 -8.33 15.84 -39.73
CA LEU C 15 -9.72 15.72 -40.16
C LEU C 15 -10.38 17.10 -40.20
N GLU C 16 -11.22 17.32 -41.20
CA GLU C 16 -12.03 18.54 -41.30
C GLU C 16 -13.41 18.21 -40.76
N VAL C 17 -13.70 18.67 -39.54
CA VAL C 17 -14.94 18.38 -38.86
C VAL C 17 -15.55 19.67 -38.36
N GLU C 18 -16.80 19.57 -37.91
CA GLU C 18 -17.52 20.67 -37.28
C GLU C 18 -17.92 20.23 -35.88
N SER C 19 -18.14 21.22 -35.01
CA SER C 19 -18.50 20.92 -33.62
C SER C 19 -19.76 20.05 -33.54
N SER C 20 -20.66 20.19 -34.53
CA SER C 20 -21.88 19.39 -34.55
C SER C 20 -21.62 17.93 -34.91
N ASP C 21 -20.47 17.62 -35.51
CA ASP C 21 -20.20 16.25 -35.95
C ASP C 21 -20.19 15.30 -34.76
N THR C 22 -20.83 14.15 -34.94
CA THR C 22 -20.86 13.13 -33.90
C THR C 22 -19.55 12.34 -33.93
N ILE C 23 -19.24 11.73 -32.78
CA ILE C 23 -18.05 10.88 -32.69
C ILE C 23 -18.15 9.75 -33.71
N ASP C 24 -19.36 9.26 -33.95
CA ASP C 24 -19.56 8.27 -35.01
C ASP C 24 -19.27 8.85 -36.38
N ASN C 25 -19.69 10.10 -36.61
CA ASN C 25 -19.35 10.78 -37.86
C ASN C 25 -17.85 10.97 -37.99
N VAL C 26 -17.18 11.31 -36.89
CA VAL C 26 -15.72 11.47 -36.91
C VAL C 26 -15.06 10.14 -37.27
N LYS C 27 -15.50 9.05 -36.63
CA LYS C 27 -14.94 7.74 -36.94
C LYS C 27 -15.17 7.38 -38.41
N SER C 28 -16.34 7.73 -38.95
CA SER C 28 -16.60 7.48 -40.36
C SER C 28 -15.65 8.28 -41.24
N LYS C 29 -15.41 9.55 -40.88
CA LYS C 29 -14.47 10.36 -41.65
C LYS C 29 -13.07 9.75 -41.64
N ILE C 30 -12.67 9.15 -40.51
CA ILE C 30 -11.39 8.44 -40.44
C ILE C 30 -11.36 7.33 -41.47
N GLN C 31 -12.44 6.56 -41.57
CA GLN C 31 -12.49 5.47 -42.55
C GLN C 31 -12.36 6.01 -43.97
N ASP C 32 -12.95 7.19 -44.25
CA ASP C 32 -12.77 7.80 -45.56
C ASP C 32 -11.32 8.20 -45.78
N LYS C 33 -10.70 8.84 -44.77
CA LYS C 33 -9.29 9.19 -44.87
C LYS C 33 -8.42 7.95 -45.02
N GLU C 34 -8.76 6.87 -44.32
CA GLU C 34 -8.01 5.63 -44.37
C GLU C 34 -8.91 4.50 -43.90
N GLY C 35 -8.97 3.42 -44.67
CA GLY C 35 -9.83 2.28 -44.36
C GLY C 35 -9.80 1.86 -42.91
N ILE C 36 -10.93 2.02 -42.22
CA ILE C 36 -11.00 1.83 -40.77
C ILE C 36 -12.12 0.86 -40.43
N PRO C 37 -11.93 -0.03 -39.46
CA PRO C 37 -13.06 -0.75 -38.89
C PRO C 37 -13.61 0.01 -37.70
N PRO C 38 -14.66 0.81 -37.90
CA PRO C 38 -15.15 1.67 -36.80
C PRO C 38 -15.65 0.89 -35.60
N ASP C 39 -16.34 -0.22 -35.84
CA ASP C 39 -16.80 -1.08 -34.77
C ASP C 39 -15.66 -1.67 -33.95
N GLN C 40 -14.45 -1.70 -34.51
CA GLN C 40 -13.30 -2.34 -33.86
C GLN C 40 -12.49 -1.39 -32.98
N GLN C 41 -12.74 -0.08 -33.03
CA GLN C 41 -11.91 0.88 -32.32
C GLN C 41 -12.77 1.94 -31.66
N ARG C 42 -12.15 2.67 -30.72
CA ARG C 42 -12.78 3.76 -30.00
C ARG C 42 -11.84 4.96 -29.94
N LEU C 43 -12.42 6.14 -29.74
CA LEU C 43 -11.67 7.39 -29.66
C LEU C 43 -11.62 7.89 -28.22
N ILE C 44 -10.48 8.45 -27.84
CA ILE C 44 -10.21 8.86 -26.47
C ILE C 44 -9.85 10.35 -26.46
N PHE C 45 -10.35 11.05 -25.44
CA PHE C 45 -9.93 12.41 -25.17
C PHE C 45 -10.06 12.65 -23.67
N ALA C 46 -9.12 13.42 -23.11
CA ALA C 46 -9.06 13.68 -21.67
C ALA C 46 -8.95 12.38 -20.87
N GLY C 47 -8.36 11.35 -21.46
CA GLY C 47 -8.19 10.07 -20.81
C GLY C 47 -9.44 9.24 -20.66
N LYS C 48 -10.51 9.56 -21.38
CA LYS C 48 -11.78 8.87 -21.24
C LYS C 48 -12.35 8.55 -22.62
N GLN C 49 -13.04 7.41 -22.71
CA GLN C 49 -13.66 7.00 -23.96
C GLN C 49 -14.76 7.98 -24.36
N LEU C 50 -14.97 8.08 -25.68
CA LEU C 50 -15.98 8.97 -26.24
C LEU C 50 -17.08 8.15 -26.88
N GLU C 51 -18.33 8.47 -26.55
CA GLU C 51 -19.48 7.73 -27.06
C GLU C 51 -19.90 8.27 -28.41
N ASP C 52 -20.41 7.37 -29.26
CA ASP C 52 -20.67 7.70 -30.66
C ASP C 52 -21.73 8.79 -30.79
N GLY C 53 -22.78 8.74 -29.96
CA GLY C 53 -23.91 9.63 -30.15
C GLY C 53 -23.66 11.06 -29.73
N ARG C 54 -22.63 11.31 -28.93
CA ARG C 54 -22.37 12.65 -28.43
C ARG C 54 -21.51 13.43 -29.42
N THR C 55 -21.53 14.75 -29.27
CA THR C 55 -20.87 15.65 -30.20
C THR C 55 -19.58 16.20 -29.59
N LEU C 56 -18.73 16.74 -30.48
CA LEU C 56 -17.47 17.33 -30.05
C LEU C 56 -17.72 18.51 -29.11
N SER C 57 -18.78 19.29 -29.37
CA SER C 57 -19.14 20.37 -28.45
C SER C 57 -19.56 19.82 -27.09
N ASP C 58 -20.32 18.73 -27.07
CA ASP C 58 -20.69 18.11 -25.80
C ASP C 58 -19.47 17.68 -25.02
N TYR C 59 -18.48 17.10 -25.71
CA TYR C 59 -17.21 16.74 -25.11
C TYR C 59 -16.24 17.92 -25.03
N ASN C 60 -16.70 19.11 -25.42
CA ASN C 60 -15.89 20.33 -25.35
C ASN C 60 -14.57 20.18 -26.13
N ILE C 61 -14.60 19.34 -27.16
CA ILE C 61 -13.43 19.15 -28.02
C ILE C 61 -13.30 20.39 -28.92
N GLN C 62 -12.39 21.29 -28.56
CA GLN C 62 -12.19 22.51 -29.32
C GLN C 62 -11.21 22.26 -30.47
N LYS C 63 -10.87 23.32 -31.18
CA LYS C 63 -10.05 23.21 -32.37
C LYS C 63 -8.62 22.80 -32.02
N GLU C 64 -7.98 22.10 -32.95
CA GLU C 64 -6.61 21.64 -32.82
C GLU C 64 -6.43 20.69 -31.63
N SER C 65 -7.52 20.17 -31.09
CA SER C 65 -7.43 19.13 -30.09
C SER C 65 -7.08 17.80 -30.75
N THR C 66 -6.29 17.00 -30.05
CA THR C 66 -5.82 15.72 -30.57
C THR C 66 -6.58 14.59 -29.90
N LEU C 67 -7.22 13.75 -30.71
CA LEU C 67 -7.88 12.56 -30.23
C LEU C 67 -7.00 11.33 -30.48
N HIS C 68 -7.22 10.29 -29.69
CA HIS C 68 -6.41 9.08 -29.74
C HIS C 68 -7.28 7.86 -29.98
N LEU C 69 -6.83 7.00 -30.88
CA LEU C 69 -7.53 5.76 -31.20
C LEU C 69 -6.96 4.62 -30.36
N VAL C 70 -7.86 3.87 -29.72
CA VAL C 70 -7.49 2.68 -28.97
C VAL C 70 -8.30 1.51 -29.51
N LEU C 71 -7.76 0.32 -29.30
CA LEU C 71 -8.42 -0.88 -29.78
C LEU C 71 -9.60 -1.24 -28.88
N ARG C 72 -10.67 -1.73 -29.49
CA ARG C 72 -11.90 -2.10 -28.79
C ARG C 72 -12.24 -3.54 -29.15
N LEU C 73 -11.59 -4.48 -28.48
CA LEU C 73 -11.95 -5.89 -28.63
C LEU C 73 -13.12 -6.21 -27.73
N ARG C 74 -14.22 -6.68 -28.33
CA ARG C 74 -15.43 -6.96 -27.57
C ARG C 74 -15.47 -8.37 -27.00
N GLY C 75 -14.83 -9.34 -27.66
CA GLY C 75 -14.79 -10.69 -27.12
C GLY C 75 -13.81 -10.82 -25.97
N GLY C 76 -14.32 -10.62 -24.75
CA GLY C 76 -13.52 -10.50 -23.53
C GLY C 76 -12.22 -11.38 -23.34
N GLN D 2 -6.49 -17.94 44.45
CA GLN D 2 -7.15 -16.74 43.95
C GLN D 2 -6.13 -15.71 43.49
N ILE D 3 -6.06 -15.49 42.18
CA ILE D 3 -5.17 -14.49 41.60
C ILE D 3 -5.96 -13.65 40.61
N PHE D 4 -5.34 -12.55 40.17
CA PHE D 4 -5.96 -11.62 39.24
C PHE D 4 -5.10 -11.48 37.99
N VAL D 5 -5.75 -11.27 36.85
CA VAL D 5 -5.05 -11.01 35.60
C VAL D 5 -5.81 -9.93 34.83
N LYS D 6 -5.08 -8.95 34.32
CA LYS D 6 -5.67 -7.88 33.53
C LYS D 6 -5.85 -8.36 32.10
N THR D 7 -7.10 -8.41 31.64
CA THR D 7 -7.42 -8.96 30.33
C THR D 7 -7.02 -7.99 29.22
N LEU D 8 -7.31 -8.38 27.97
CA LEU D 8 -7.02 -7.51 26.84
C LEU D 8 -7.95 -6.31 26.81
N THR D 9 -9.19 -6.47 27.25
CA THR D 9 -10.14 -5.37 27.30
C THR D 9 -9.78 -4.34 28.36
N GLY D 10 -8.82 -4.63 29.22
CA GLY D 10 -8.44 -3.75 30.31
C GLY D 10 -9.03 -4.14 31.65
N LYS D 11 -10.08 -4.96 31.66
CA LYS D 11 -10.70 -5.38 32.90
C LYS D 11 -9.79 -6.33 33.67
N THR D 12 -10.11 -6.54 34.94
CA THR D 12 -9.38 -7.43 35.82
C THR D 12 -10.31 -8.55 36.27
N ILE D 13 -9.90 -9.80 36.04
CA ILE D 13 -10.69 -10.96 36.42
C ILE D 13 -9.93 -11.75 37.48
N THR D 14 -10.68 -12.55 38.23
CA THR D 14 -10.13 -13.38 39.29
C THR D 14 -10.27 -14.85 38.91
N LEU D 15 -9.28 -15.66 39.29
CA LEU D 15 -9.22 -17.06 38.90
C LEU D 15 -9.06 -17.95 40.11
N GLU D 16 -9.90 -18.98 40.19
CA GLU D 16 -9.77 -20.03 41.20
C GLU D 16 -8.68 -20.99 40.73
N VAL D 17 -7.49 -20.88 41.30
CA VAL D 17 -6.32 -21.61 40.84
C VAL D 17 -5.62 -22.24 42.04
N GLU D 18 -4.58 -23.02 41.73
CA GLU D 18 -3.65 -23.54 42.72
C GLU D 18 -2.25 -23.44 42.14
N SER D 19 -1.27 -23.22 43.03
CA SER D 19 0.12 -23.16 42.59
C SER D 19 0.56 -24.45 41.90
N SER D 20 -0.15 -25.56 42.14
CA SER D 20 0.14 -26.81 41.46
C SER D 20 -0.35 -26.80 40.01
N ASP D 21 -1.42 -26.07 39.73
CA ASP D 21 -2.00 -26.07 38.39
C ASP D 21 -1.03 -25.47 37.37
N THR D 22 -1.09 -25.98 36.15
CA THR D 22 -0.18 -25.57 35.09
C THR D 22 -0.61 -24.24 34.48
N ILE D 23 0.35 -23.59 33.82
CA ILE D 23 0.05 -22.33 33.13
C ILE D 23 -1.01 -22.56 32.07
N ASP D 24 -0.97 -23.72 31.40
CA ASP D 24 -1.96 -24.02 30.39
C ASP D 24 -3.36 -24.12 30.98
N ASN D 25 -3.49 -24.77 32.15
CA ASN D 25 -4.79 -24.84 32.81
C ASN D 25 -5.26 -23.47 33.25
N VAL D 26 -4.33 -22.60 33.68
CA VAL D 26 -4.68 -21.22 33.98
C VAL D 26 -5.30 -20.56 32.75
N LYS D 27 -4.68 -20.75 31.59
CA LYS D 27 -5.21 -20.18 30.34
C LYS D 27 -6.55 -20.79 29.97
N SER D 28 -6.76 -22.08 30.27
CA SER D 28 -8.06 -22.70 30.02
C SER D 28 -9.14 -22.03 30.85
N LYS D 29 -8.84 -21.71 32.11
CA LYS D 29 -9.78 -20.96 32.94
C LYS D 29 -10.01 -19.56 32.38
N ILE D 30 -8.95 -18.95 31.83
CA ILE D 30 -9.11 -17.65 31.18
C ILE D 30 -10.01 -17.77 29.95
N GLN D 31 -9.86 -18.86 29.20
CA GLN D 31 -10.73 -19.08 28.04
C GLN D 31 -12.17 -19.27 28.48
N ASP D 32 -12.40 -19.97 29.60
CA ASP D 32 -13.75 -20.12 30.13
C ASP D 32 -14.33 -18.77 30.51
N LYS D 33 -13.49 -17.86 31.01
CA LYS D 33 -13.96 -16.54 31.43
C LYS D 33 -14.08 -15.59 30.25
N GLU D 34 -13.08 -15.56 29.38
CA GLU D 34 -13.00 -14.57 28.31
C GLU D 34 -13.40 -15.15 26.95
N GLY D 35 -12.84 -16.28 26.56
CA GLY D 35 -13.05 -16.85 25.25
C GLY D 35 -11.81 -16.91 24.38
N ILE D 36 -10.74 -16.22 24.76
CA ILE D 36 -9.48 -16.26 24.01
C ILE D 36 -8.85 -17.63 24.23
N PRO D 37 -8.62 -18.41 23.17
CA PRO D 37 -8.04 -19.74 23.36
C PRO D 37 -6.61 -19.63 23.84
N PRO D 38 -6.11 -20.65 24.55
CA PRO D 38 -4.76 -20.55 25.13
C PRO D 38 -3.65 -20.36 24.11
N ASP D 39 -3.83 -20.89 22.89
CA ASP D 39 -2.82 -20.68 21.86
C ASP D 39 -2.62 -19.21 21.57
N GLN D 40 -3.65 -18.39 21.75
CA GLN D 40 -3.60 -16.95 21.52
C GLN D 40 -3.41 -16.17 22.80
N GLN D 41 -2.62 -16.69 23.75
CA GLN D 41 -2.44 -16.04 25.04
C GLN D 41 -0.96 -15.94 25.39
N ARG D 42 -0.61 -14.85 26.07
CA ARG D 42 0.74 -14.65 26.58
C ARG D 42 0.63 -13.85 27.87
N LEU D 43 1.29 -14.33 28.92
CA LEU D 43 1.18 -13.73 30.25
C LEU D 43 2.54 -13.19 30.69
N ILE D 44 2.52 -11.99 31.28
CA ILE D 44 3.72 -11.32 31.74
C ILE D 44 3.62 -11.12 33.24
N PHE D 45 4.78 -11.07 33.90
CA PHE D 45 4.83 -10.86 35.35
C PHE D 45 6.09 -10.09 35.68
N ALA D 46 5.93 -8.81 36.02
CA ALA D 46 7.02 -7.91 36.41
C ALA D 46 8.08 -7.75 35.31
N GLY D 47 7.75 -8.12 34.08
CA GLY D 47 8.66 -7.90 32.96
C GLY D 47 9.21 -9.14 32.31
N LYS D 48 8.56 -10.29 32.50
CA LYS D 48 9.01 -11.54 31.90
C LYS D 48 7.81 -12.44 31.65
N GLN D 49 7.93 -13.27 30.62
CA GLN D 49 6.83 -14.12 30.19
C GLN D 49 6.85 -15.45 30.93
N LEU D 50 5.84 -16.28 30.66
CA LEU D 50 5.67 -17.58 31.30
C LEU D 50 5.54 -18.65 30.23
N GLU D 51 5.95 -19.86 30.58
CA GLU D 51 5.91 -20.99 29.65
C GLU D 51 4.73 -21.89 29.97
N ASP D 52 4.10 -22.43 28.92
CA ASP D 52 2.87 -23.20 29.10
C ASP D 52 3.13 -24.49 29.88
N GLY D 53 4.25 -25.16 29.60
CA GLY D 53 4.53 -26.43 30.26
C GLY D 53 4.74 -26.33 31.75
N ARG D 54 5.05 -25.14 32.26
CA ARG D 54 5.30 -24.96 33.68
C ARG D 54 3.98 -24.78 34.43
N THR D 55 4.09 -24.66 35.76
CA THR D 55 2.96 -24.43 36.63
C THR D 55 3.07 -23.03 37.24
N LEU D 56 2.19 -22.74 38.21
CA LEU D 56 2.27 -21.47 38.91
C LEU D 56 3.45 -21.44 39.87
N SER D 57 3.75 -22.57 40.51
CA SER D 57 4.85 -22.62 41.47
C SER D 57 6.20 -22.42 40.80
N ASP D 58 6.32 -22.76 39.52
CA ASP D 58 7.59 -22.58 38.82
C ASP D 58 8.01 -21.11 38.79
N TYR D 59 7.04 -20.20 38.76
CA TYR D 59 7.32 -18.78 38.80
C TYR D 59 7.06 -18.17 40.18
N ASN D 60 6.90 -19.01 41.20
CA ASN D 60 6.66 -18.62 42.59
C ASN D 60 5.72 -17.41 42.68
N ILE D 61 4.54 -17.60 42.11
CA ILE D 61 3.53 -16.54 42.07
C ILE D 61 2.70 -16.64 43.34
N GLN D 62 2.78 -15.61 44.18
CA GLN D 62 2.01 -15.59 45.42
C GLN D 62 0.54 -15.35 45.11
N LYS D 63 -0.33 -15.92 45.96
CA LYS D 63 -1.76 -15.81 45.76
C LYS D 63 -2.20 -14.34 45.82
N GLU D 64 -3.21 -14.02 45.00
CA GLU D 64 -3.72 -12.65 44.85
C GLU D 64 -2.66 -11.73 44.24
N SER D 65 -2.03 -12.22 43.18
CA SER D 65 -1.12 -11.41 42.38
C SER D 65 -1.83 -10.96 41.10
N THR D 66 -1.41 -9.82 40.59
CA THR D 66 -1.96 -9.25 39.37
C THR D 66 -1.04 -9.56 38.21
N LEU D 67 -1.58 -10.21 37.18
CA LEU D 67 -0.82 -10.57 35.98
C LEU D 67 -1.32 -9.78 34.79
N HIS D 68 -0.43 -9.53 33.84
CA HIS D 68 -0.76 -8.81 32.62
C HIS D 68 -0.90 -9.81 31.48
N LEU D 69 -2.09 -9.87 30.90
CA LEU D 69 -2.33 -10.71 29.73
C LEU D 69 -2.13 -9.86 28.47
N VAL D 70 -1.07 -10.17 27.72
CA VAL D 70 -0.83 -9.54 26.43
C VAL D 70 -1.10 -10.57 25.35
N LEU D 71 -1.56 -10.10 24.19
CA LEU D 71 -1.88 -11.00 23.10
C LEU D 71 -0.60 -11.61 22.55
N ARG D 72 -0.56 -12.93 22.47
CA ARG D 72 0.56 -13.60 21.82
C ARG D 72 0.57 -13.23 20.34
N LEU D 73 1.76 -13.30 19.73
CA LEU D 73 1.89 -13.10 18.30
C LEU D 73 3.02 -13.99 17.81
N ARG D 74 2.74 -14.82 16.83
CA ARG D 74 3.70 -15.81 16.36
C ARG D 74 4.11 -15.49 14.93
N GLY D 75 5.32 -15.90 14.57
CA GLY D 75 5.86 -15.67 13.26
C GLY D 75 6.94 -16.66 12.88
N GLY D 76 6.93 -17.09 11.63
CA GLY D 76 7.97 -17.91 11.06
C GLY D 76 8.60 -17.29 9.73
#